data_6BKC
#
_entry.id   6BKC
#
_cell.length_a   36.447
_cell.length_b   59.437
_cell.length_c   143.923
_cell.angle_alpha   90.00
_cell.angle_beta   90.29
_cell.angle_gamma   90.00
#
_symmetry.space_group_name_H-M   'P 1 21 1'
#
loop_
_entity.id
_entity.type
_entity.pdbx_description
1 polymer 'Fab AR3B heavy chain'
2 polymer 'Fab AR3B light chain'
3 polymer Polyprotein
4 non-polymer 2-acetamido-2-deoxy-beta-D-glucopyranose
5 water water
#
loop_
_entity_poly.entity_id
_entity_poly.type
_entity_poly.pdbx_seq_one_letter_code
_entity_poly.pdbx_strand_id
1 'polypeptide(L)'
;LLEQSGPEVKKPGSSVKVSCKDSGDTFNEPVTWVRQAPGQGLEWIGGIIPAFGVTKYAQKFQGRVIISADASTATAYLEL
SSLRSEDTAVYYCAKVGLRGIVMVGGLAMNWLDPWGQGTQVTVSSASTKGPSVFPLAPSSKSTSGGTAALGCLVKDYFPE
PVTVSWNSGALTSGVHTFPAVLQSSGLYSLSSVVTVPSSSLGTQTYICNVNHKPSNTKVDKKVEPKSCGS
;
H
2 'polypeptide(L)'
;EIELTQSPGTLSLSPGERATLSCRASQSVSSSYLAWYQQKPGQAPRLLIYGASSRATGIPDRFSGSGSGTDFTLTISRLE
PEDFAVYYCQQYGSSPQTFGQGTKVEIKRTVAAPSVFIFPPSDEQLKSGTASVVCLLNNFYPREAKVQWKVDNALQSGNS
QESVTEQDSKDSTYSLSSTLTLSKADYEKHKVYACEVTHQGLSSPVTKSFNRGEC
;
L
3 'polypeptide(L)'
;QLINTNGSWHINRTALNCNDSLQTGFITSLFYAKNVDSSGCPERMAACGSSGCWHYAPRPCDVVSARTVCGPVYCFTPSP
VVVGTTDKLGIPTYNWGENETDVFMLESLRPPTGGWFGCTWMNSTGFTKTCGAPPGGPTDGGSGPWITPRCLVDYPYRLW
HYPCTVNFTLHKVRMFVGGIEHRFDAACN
;
E
#
loop_
_chem_comp.id
_chem_comp.type
_chem_comp.name
_chem_comp.formula
NAG D-saccharide, beta linking 2-acetamido-2-deoxy-beta-D-glucopyranose 'C8 H15 N O6'
#
# COMPACT_ATOMS: atom_id res chain seq x y z
N LEU A 1 -9.92 1.93 9.58
CA LEU A 1 -9.15 2.63 8.56
C LEU A 1 -9.95 2.79 7.27
N LEU A 2 -9.28 3.16 6.19
CA LEU A 2 -9.94 3.34 4.91
C LEU A 2 -10.40 2.00 4.36
N GLU A 3 -11.58 1.99 3.73
CA GLU A 3 -12.14 0.79 3.14
C GLU A 3 -11.89 0.81 1.63
N GLN A 4 -11.31 -0.28 1.12
CA GLN A 4 -11.06 -0.44 -0.31
C GLN A 4 -11.85 -1.64 -0.82
N SER A 5 -11.95 -1.72 -2.14
CA SER A 5 -12.68 -2.81 -2.78
C SER A 5 -11.93 -4.12 -2.61
N GLY A 6 -12.63 -5.22 -2.91
CA GLY A 6 -12.08 -6.55 -2.72
C GLY A 6 -11.07 -6.93 -3.79
N PRO A 7 -10.67 -8.19 -3.80
CA PRO A 7 -9.69 -8.64 -4.79
C PRO A 7 -10.29 -8.66 -6.19
N GLU A 8 -9.44 -8.41 -7.18
CA GLU A 8 -9.85 -8.36 -8.58
C GLU A 8 -8.92 -9.23 -9.41
N VAL A 9 -9.50 -9.86 -10.43
CA VAL A 9 -8.75 -10.70 -11.38
C VAL A 9 -9.24 -10.38 -12.78
N LYS A 10 -8.36 -9.85 -13.62
CA LYS A 10 -8.73 -9.43 -14.97
C LYS A 10 -7.69 -9.92 -15.96
N LYS A 11 -8.13 -10.16 -17.19
CA LYS A 11 -7.28 -10.63 -18.26
C LYS A 11 -6.40 -9.50 -18.79
N PRO A 12 -5.24 -9.83 -19.38
CA PRO A 12 -4.37 -8.79 -19.94
C PRO A 12 -5.08 -8.00 -21.03
N GLY A 13 -4.85 -6.68 -21.02
CA GLY A 13 -5.52 -5.78 -21.94
C GLY A 13 -6.81 -5.19 -21.42
N SER A 14 -7.26 -5.58 -20.23
CA SER A 14 -8.51 -5.08 -19.66
C SER A 14 -8.22 -3.88 -18.77
N SER A 15 -9.15 -3.54 -17.88
CA SER A 15 -8.99 -2.39 -17.00
C SER A 15 -9.68 -2.66 -15.67
N VAL A 16 -9.03 -2.24 -14.59
CA VAL A 16 -9.59 -2.39 -13.25
C VAL A 16 -10.01 -1.03 -12.74
N LYS A 17 -10.88 -1.04 -11.73
CA LYS A 17 -11.36 0.18 -11.08
C LYS A 17 -11.42 -0.12 -9.58
N VAL A 18 -10.39 0.31 -8.86
CA VAL A 18 -10.26 0.06 -7.42
C VAL A 18 -10.82 1.25 -6.65
N SER A 19 -11.71 0.96 -5.70
CA SER A 19 -12.35 1.99 -4.89
C SER A 19 -11.63 2.15 -3.56
N CYS A 20 -11.83 3.31 -2.93
CA CYS A 20 -11.25 3.59 -1.63
C CYS A 20 -12.20 4.54 -0.89
N LYS A 21 -12.92 4.02 0.09
CA LYS A 21 -13.89 4.79 0.86
C LYS A 21 -13.41 4.92 2.30
N ASP A 22 -13.67 6.08 2.90
CA ASP A 22 -13.34 6.33 4.29
C ASP A 22 -14.60 6.67 5.07
N SER A 23 -14.57 6.38 6.36
CA SER A 23 -15.71 6.65 7.24
C SER A 23 -15.70 8.04 7.82
N GLY A 24 -14.53 8.63 8.02
CA GLY A 24 -14.42 9.98 8.56
C GLY A 24 -14.83 11.04 7.56
N ASP A 25 -14.84 12.28 8.04
CA ASP A 25 -15.20 13.42 7.23
C ASP A 25 -13.99 14.07 6.56
N THR A 26 -12.88 13.35 6.46
CA THR A 26 -11.66 13.86 5.82
C THR A 26 -11.57 13.50 4.34
N PHE A 27 -12.72 13.27 3.69
CA PHE A 27 -12.70 12.81 2.31
C PHE A 27 -12.08 13.83 1.37
N ASN A 28 -12.37 15.11 1.58
CA ASN A 28 -11.87 16.16 0.68
C ASN A 28 -10.36 16.33 0.73
N GLU A 29 -9.70 15.77 1.74
CA GLU A 29 -8.26 15.95 1.90
C GLU A 29 -7.49 15.08 0.92
N PRO A 30 -6.26 15.46 0.59
CA PRO A 30 -5.53 14.77 -0.48
C PRO A 30 -5.35 13.28 -0.21
N VAL A 31 -5.50 12.48 -1.27
CA VAL A 31 -5.34 11.04 -1.24
C VAL A 31 -4.25 10.65 -2.22
N THR A 32 -3.59 9.51 -1.96
CA THR A 32 -2.48 9.05 -2.77
C THR A 32 -2.62 7.56 -3.03
N TRP A 33 -2.40 7.16 -4.27
CA TRP A 33 -2.43 5.75 -4.68
C TRP A 33 -1.02 5.22 -4.85
N VAL A 34 -0.79 4.02 -4.31
CA VAL A 34 0.53 3.37 -4.35
C VAL A 34 0.29 1.87 -4.49
N ARG A 35 1.10 1.23 -5.35
CA ARG A 35 1.03 -0.21 -5.53
C ARG A 35 2.34 -0.86 -5.09
N GLN A 36 2.27 -2.16 -4.84
CA GLN A 36 3.41 -2.93 -4.36
C GLN A 36 3.38 -4.32 -4.97
N ALA A 37 4.32 -4.58 -5.87
CA ALA A 37 4.50 -5.90 -6.46
C ALA A 37 5.13 -6.85 -5.45
N PRO A 38 4.99 -8.17 -5.63
CA PRO A 38 5.53 -9.11 -4.64
C PRO A 38 7.00 -8.90 -4.28
N GLY A 39 7.89 -8.85 -5.27
CA GLY A 39 9.29 -8.72 -5.00
C GLY A 39 9.82 -7.31 -4.84
N GLN A 40 9.00 -6.30 -5.06
CA GLN A 40 9.43 -4.90 -5.06
C GLN A 40 8.86 -4.17 -3.85
N GLY A 41 9.26 -2.91 -3.72
CA GLY A 41 8.72 -2.02 -2.71
C GLY A 41 7.56 -1.21 -3.23
N LEU A 42 7.18 -0.20 -2.43
CA LEU A 42 6.03 0.62 -2.78
C LEU A 42 6.35 1.52 -3.97
N GLU A 43 5.38 1.65 -4.87
CA GLU A 43 5.55 2.42 -6.11
C GLU A 43 4.39 3.39 -6.25
N TRP A 44 4.71 4.68 -6.26
CA TRP A 44 3.67 5.70 -6.35
C TRP A 44 3.09 5.76 -7.76
N ILE A 45 1.77 5.89 -7.83
CA ILE A 45 1.03 5.92 -9.10
C ILE A 45 0.46 7.30 -9.37
N GLY A 46 -0.22 7.88 -8.38
CA GLY A 46 -0.82 9.19 -8.56
C GLY A 46 -1.54 9.62 -7.31
N GLY A 47 -2.32 10.68 -7.44
CA GLY A 47 -3.06 11.20 -6.30
C GLY A 47 -4.19 12.11 -6.75
N ILE A 48 -5.01 12.49 -5.79
CA ILE A 48 -6.15 13.37 -6.06
C ILE A 48 -6.47 14.16 -4.80
N ILE A 49 -6.91 15.40 -5.01
CA ILE A 49 -7.45 16.23 -3.93
C ILE A 49 -8.94 16.40 -4.21
N PRO A 50 -9.81 15.63 -3.54
CA PRO A 50 -11.23 15.62 -3.92
C PRO A 50 -11.94 16.95 -3.73
N ALA A 51 -11.40 17.86 -2.92
CA ALA A 51 -12.06 19.15 -2.73
C ALA A 51 -12.10 19.95 -4.03
N PHE A 52 -11.05 19.85 -4.84
CA PHE A 52 -10.97 20.55 -6.11
C PHE A 52 -10.88 19.64 -7.31
N GLY A 53 -10.58 18.36 -7.13
CA GLY A 53 -10.48 17.43 -8.24
C GLY A 53 -9.13 17.39 -8.91
N VAL A 54 -8.09 17.94 -8.29
CA VAL A 54 -6.76 17.95 -8.88
C VAL A 54 -6.22 16.53 -8.91
N THR A 55 -5.77 16.09 -10.08
CA THR A 55 -5.14 14.78 -10.23
C THR A 55 -3.73 14.96 -10.76
N LYS A 56 -2.77 14.38 -10.06
CA LYS A 56 -1.37 14.36 -10.47
C LYS A 56 -0.92 12.92 -10.58
N TYR A 57 -0.25 12.58 -11.68
CA TYR A 57 0.11 11.20 -11.97
C TYR A 57 1.62 11.03 -12.05
N ALA A 58 2.08 9.82 -11.75
CA ALA A 58 3.48 9.49 -11.99
C ALA A 58 3.74 9.38 -13.49
N GLN A 59 5.01 9.59 -13.87
CA GLN A 59 5.37 9.57 -15.28
C GLN A 59 5.12 8.21 -15.91
N LYS A 60 5.20 7.13 -15.13
CA LYS A 60 5.03 5.79 -15.68
C LYS A 60 3.62 5.59 -16.22
N PHE A 61 2.60 5.93 -15.42
CA PHE A 61 1.21 5.67 -15.77
C PHE A 61 0.52 6.92 -16.32
N GLN A 62 1.23 7.75 -17.08
CA GLN A 62 0.67 9.02 -17.51
C GLN A 62 -0.50 8.84 -18.47
N GLY A 63 -0.46 7.79 -19.29
CA GLY A 63 -1.52 7.58 -20.26
C GLY A 63 -2.39 6.36 -20.01
N ARG A 64 -2.08 5.62 -18.94
CA ARG A 64 -2.79 4.38 -18.64
C ARG A 64 -3.73 4.46 -17.45
N VAL A 65 -3.53 5.42 -16.55
CA VAL A 65 -4.33 5.49 -15.34
C VAL A 65 -5.13 6.79 -15.33
N ILE A 66 -6.28 6.73 -14.66
CA ILE A 66 -7.10 7.91 -14.40
C ILE A 66 -7.66 7.79 -12.99
N ILE A 67 -7.40 8.78 -12.15
CA ILE A 67 -7.83 8.78 -10.76
C ILE A 67 -8.99 9.77 -10.63
N SER A 68 -10.06 9.32 -9.98
CA SER A 68 -11.27 10.12 -9.85
C SER A 68 -11.79 10.03 -8.43
N ALA A 69 -12.75 10.89 -8.10
CA ALA A 69 -13.36 10.91 -6.78
C ALA A 69 -14.84 11.23 -6.92
N ASP A 70 -15.66 10.57 -6.10
CA ASP A 70 -17.10 10.78 -6.07
C ASP A 70 -17.46 11.34 -4.71
N ALA A 71 -18.04 12.54 -4.70
CA ALA A 71 -18.38 13.20 -3.43
C ALA A 71 -19.68 12.67 -2.84
N SER A 72 -20.59 12.14 -3.67
CA SER A 72 -21.81 11.55 -3.15
C SER A 72 -21.50 10.35 -2.27
N THR A 73 -20.78 9.37 -2.81
CA THR A 73 -20.15 8.37 -1.98
C THR A 73 -18.96 9.00 -1.26
N ALA A 74 -18.28 8.21 -0.42
CA ALA A 74 -17.07 8.67 0.25
C ALA A 74 -15.83 8.06 -0.39
N THR A 75 -15.85 7.90 -1.72
CA THR A 75 -14.91 7.05 -2.42
C THR A 75 -14.08 7.82 -3.43
N ALA A 76 -12.78 7.60 -3.42
CA ALA A 76 -11.89 7.99 -4.51
C ALA A 76 -11.53 6.75 -5.31
N TYR A 77 -11.33 6.92 -6.62
CA TYR A 77 -11.17 5.81 -7.53
C TYR A 77 -9.83 5.86 -8.24
N LEU A 78 -9.30 4.66 -8.52
CA LEU A 78 -8.14 4.48 -9.39
C LEU A 78 -8.53 3.53 -10.50
N GLU A 79 -8.33 3.96 -11.75
CA GLU A 79 -8.71 3.19 -12.93
C GLU A 79 -7.48 2.99 -13.80
N LEU A 80 -6.96 1.77 -13.82
CA LEU A 80 -5.78 1.41 -14.61
C LEU A 80 -6.23 0.59 -15.81
N SER A 81 -5.90 1.07 -17.01
CA SER A 81 -6.35 0.46 -18.26
C SER A 81 -5.18 -0.25 -18.94
N SER A 82 -5.53 -1.11 -19.90
CA SER A 82 -4.57 -1.88 -20.69
C SER A 82 -3.61 -2.64 -19.78
N LEU A 83 -4.17 -3.55 -19.00
CA LEU A 83 -3.41 -4.24 -17.97
C LEU A 83 -2.38 -5.18 -18.57
N ARG A 84 -1.27 -5.34 -17.84
CA ARG A 84 -0.22 -6.29 -18.18
C ARG A 84 0.09 -7.13 -16.95
N SER A 85 0.88 -8.19 -17.15
CA SER A 85 1.27 -9.04 -16.03
C SER A 85 2.13 -8.31 -15.01
N GLU A 86 2.81 -7.24 -15.42
CA GLU A 86 3.58 -6.43 -14.48
C GLU A 86 2.68 -5.73 -13.48
N ASP A 87 1.45 -5.39 -13.89
CA ASP A 87 0.52 -4.65 -13.03
C ASP A 87 -0.07 -5.51 -11.92
N THR A 88 0.28 -6.79 -11.84
CA THR A 88 -0.18 -7.63 -10.74
C THR A 88 0.51 -7.19 -9.45
N ALA A 89 -0.25 -6.60 -8.55
CA ALA A 89 0.30 -6.05 -7.30
C ALA A 89 -0.85 -5.80 -6.34
N VAL A 90 -0.50 -5.36 -5.14
CA VAL A 90 -1.46 -4.88 -4.14
C VAL A 90 -1.50 -3.36 -4.22
N TYR A 91 -2.69 -2.80 -4.39
CA TYR A 91 -2.85 -1.36 -4.60
C TYR A 91 -3.37 -0.72 -3.31
N TYR A 92 -2.65 0.29 -2.84
CA TYR A 92 -2.91 0.91 -1.55
C TYR A 92 -3.41 2.34 -1.71
N CYS A 93 -4.19 2.77 -0.73
CA CYS A 93 -4.82 4.09 -0.71
C CYS A 93 -4.54 4.71 0.66
N ALA A 94 -3.95 5.90 0.66
CA ALA A 94 -3.57 6.57 1.89
C ALA A 94 -3.85 8.06 1.78
N LYS A 95 -4.01 8.70 2.95
CA LYS A 95 -4.21 10.13 3.02
C LYS A 95 -2.87 10.84 3.20
N VAL A 96 -2.75 12.01 2.60
CA VAL A 96 -1.56 12.86 2.77
C VAL A 96 -1.78 13.72 4.00
N GLY A 97 -0.84 13.66 4.94
CA GLY A 97 -1.00 14.40 6.19
C GLY A 97 -1.09 15.89 5.93
N LEU A 98 -1.94 16.56 6.72
CA LEU A 98 -2.17 17.98 6.52
C LEU A 98 -1.09 18.83 7.20
N ARG A 99 -0.74 18.50 8.44
CA ARG A 99 0.28 19.25 9.16
C ARG A 99 1.64 19.03 8.50
N GLY A 100 2.27 20.11 8.06
CA GLY A 100 3.54 20.01 7.37
C GLY A 100 3.43 19.62 5.92
N ILE A 101 2.28 19.82 5.30
CA ILE A 101 2.07 19.39 3.92
C ILE A 101 2.74 20.39 2.99
N VAL A 102 3.16 19.89 1.82
CA VAL A 102 3.74 20.72 0.77
C VAL A 102 2.96 20.46 -0.50
N MET A 103 2.31 21.49 -1.02
CA MET A 103 1.46 21.39 -2.20
C MET A 103 1.99 22.34 -3.27
N VAL A 104 2.36 21.79 -4.42
CA VAL A 104 2.93 22.56 -5.52
C VAL A 104 2.03 22.37 -6.73
N GLY A 105 1.24 23.39 -7.04
CA GLY A 105 0.37 23.33 -8.20
C GLY A 105 -0.67 22.22 -8.14
N GLY A 106 -1.05 21.80 -6.93
CA GLY A 106 -2.06 20.77 -6.77
C GLY A 106 -1.54 19.40 -6.40
N LEU A 107 -0.23 19.22 -6.32
CA LEU A 107 0.37 17.94 -5.94
C LEU A 107 0.76 18.03 -4.47
N ALA A 108 0.00 17.36 -3.61
CA ALA A 108 0.23 17.39 -2.17
C ALA A 108 1.11 16.21 -1.77
N MET A 109 2.21 16.50 -1.10
CA MET A 109 3.15 15.47 -0.65
C MET A 109 3.47 15.68 0.83
N ASN A 110 3.43 14.58 1.58
CA ASN A 110 3.77 14.54 3.00
C ASN A 110 3.85 13.08 3.39
N TRP A 111 3.98 12.81 4.69
CA TRP A 111 3.87 11.44 5.17
C TRP A 111 2.45 10.93 4.91
N LEU A 112 2.31 9.61 4.89
CA LEU A 112 1.07 8.97 4.47
C LEU A 112 0.43 8.24 5.64
N ASP A 113 -0.79 8.63 6.01
CA ASP A 113 -1.57 8.04 7.08
C ASP A 113 -2.92 8.75 7.16
N PRO A 114 -4.03 8.01 7.35
CA PRO A 114 -4.11 6.55 7.46
C PRO A 114 -4.07 5.84 6.10
N TRP A 115 -4.08 4.51 6.13
CA TRP A 115 -4.02 3.68 4.95
C TRP A 115 -5.28 2.85 4.81
N GLY A 116 -5.55 2.41 3.57
CA GLY A 116 -6.54 1.38 3.35
C GLY A 116 -5.94 0.00 3.49
N GLN A 117 -6.80 -1.00 3.62
CA GLN A 117 -6.33 -2.37 3.81
C GLN A 117 -5.62 -2.94 2.59
N GLY A 118 -5.78 -2.31 1.42
CA GLY A 118 -5.13 -2.78 0.22
C GLY A 118 -6.07 -3.55 -0.69
N THR A 119 -5.72 -3.59 -1.97
CA THR A 119 -6.54 -4.25 -2.98
C THR A 119 -5.63 -5.08 -3.88
N GLN A 120 -5.79 -6.40 -3.81
CA GLN A 120 -5.03 -7.29 -4.69
C GLN A 120 -5.62 -7.27 -6.08
N VAL A 121 -4.78 -6.99 -7.07
CA VAL A 121 -5.17 -6.98 -8.48
C VAL A 121 -4.29 -7.99 -9.20
N THR A 122 -4.91 -9.09 -9.64
CA THR A 122 -4.20 -10.16 -10.33
C THR A 122 -4.53 -10.10 -11.82
N VAL A 123 -3.49 -10.04 -12.64
CA VAL A 123 -3.62 -9.96 -14.08
C VAL A 123 -3.15 -11.28 -14.67
N SER A 124 -4.10 -12.08 -15.17
CA SER A 124 -3.78 -13.39 -15.71
C SER A 124 -4.75 -13.70 -16.84
N SER A 125 -4.30 -14.57 -17.75
CA SER A 125 -5.14 -15.05 -18.84
C SER A 125 -5.83 -16.36 -18.52
N ALA A 126 -5.50 -16.98 -17.39
CA ALA A 126 -6.11 -18.24 -17.01
C ALA A 126 -7.60 -18.05 -16.73
N SER A 127 -8.34 -19.15 -16.86
CA SER A 127 -9.77 -19.16 -16.60
C SER A 127 -10.05 -19.72 -15.20
N THR A 128 -11.21 -19.35 -14.66
CA THR A 128 -11.63 -19.86 -13.37
C THR A 128 -11.74 -21.38 -13.41
N LYS A 129 -11.08 -22.05 -12.47
CA LYS A 129 -11.03 -23.50 -12.46
C LYS A 129 -11.00 -24.01 -11.03
N GLY A 130 -11.81 -25.02 -10.74
CA GLY A 130 -11.84 -25.62 -9.43
C GLY A 130 -10.65 -26.52 -9.19
N PRO A 131 -10.27 -26.69 -7.93
CA PRO A 131 -9.08 -27.47 -7.61
C PRO A 131 -9.34 -28.96 -7.49
N SER A 132 -8.27 -29.72 -7.66
CA SER A 132 -8.25 -31.14 -7.34
C SER A 132 -7.54 -31.34 -6.01
N VAL A 133 -8.11 -32.20 -5.17
CA VAL A 133 -7.59 -32.47 -3.83
C VAL A 133 -7.11 -33.92 -3.80
N PHE A 134 -5.84 -34.11 -3.46
CA PHE A 134 -5.25 -35.43 -3.40
C PHE A 134 -4.61 -35.67 -2.04
N PRO A 135 -4.65 -36.90 -1.54
CA PRO A 135 -4.09 -37.18 -0.22
C PRO A 135 -2.57 -37.16 -0.24
N LEU A 136 -1.99 -36.67 0.85
CA LEU A 136 -0.56 -36.77 1.11
C LEU A 136 -0.38 -37.77 2.25
N ALA A 137 -0.20 -39.03 1.88
CA ALA A 137 -0.18 -40.10 2.88
C ALA A 137 1.20 -40.20 3.52
N PRO A 138 1.27 -40.35 4.85
CA PRO A 138 2.53 -40.50 5.58
C PRO A 138 3.26 -41.79 5.21
N GLY A 145 9.55 -42.40 20.17
CA GLY A 145 9.30 -42.27 18.75
C GLY A 145 9.63 -40.90 18.20
N GLY A 146 8.79 -40.42 17.29
CA GLY A 146 8.97 -39.10 16.71
C GLY A 146 7.65 -38.46 16.31
N THR A 147 7.69 -37.55 15.34
CA THR A 147 6.49 -36.92 14.82
C THR A 147 6.22 -37.40 13.39
N ALA A 148 4.93 -37.48 13.05
CA ALA A 148 4.49 -37.90 11.73
C ALA A 148 3.86 -36.72 11.00
N ALA A 149 3.68 -36.89 9.69
CA ALA A 149 3.19 -35.81 8.84
C ALA A 149 2.27 -36.36 7.76
N LEU A 150 1.18 -35.66 7.53
CA LEU A 150 0.28 -35.93 6.42
C LEU A 150 -0.36 -34.60 6.02
N GLY A 151 -1.10 -34.61 4.92
CA GLY A 151 -1.73 -33.39 4.47
C GLY A 151 -2.53 -33.58 3.21
N CYS A 152 -2.83 -32.44 2.56
CA CYS A 152 -3.66 -32.38 1.36
C CYS A 152 -2.97 -31.53 0.31
N LEU A 153 -3.09 -31.95 -0.94
CA LEU A 153 -2.53 -31.24 -2.08
C LEU A 153 -3.68 -30.65 -2.90
N VAL A 154 -3.71 -29.32 -3.00
CA VAL A 154 -4.78 -28.60 -3.68
C VAL A 154 -4.18 -28.08 -4.98
N LYS A 155 -4.32 -28.88 -6.05
CA LYS A 155 -3.58 -28.65 -7.28
C LYS A 155 -4.49 -28.12 -8.38
N ASP A 156 -3.93 -27.22 -9.19
CA ASP A 156 -4.54 -26.70 -10.42
C ASP A 156 -5.89 -26.02 -10.15
N TYR A 157 -5.80 -24.81 -9.62
CA TYR A 157 -6.98 -23.98 -9.44
C TYR A 157 -6.70 -22.53 -9.81
N PHE A 158 -7.77 -21.78 -10.03
CA PHE A 158 -7.70 -20.36 -10.37
C PHE A 158 -9.07 -19.74 -10.16
N PRO A 159 -9.16 -18.53 -9.59
CA PRO A 159 -8.02 -17.79 -9.05
C PRO A 159 -7.83 -18.02 -7.56
N GLU A 160 -6.97 -17.20 -6.95
CA GLU A 160 -6.83 -17.19 -5.51
C GLU A 160 -8.07 -16.56 -4.87
N PRO A 161 -8.35 -16.86 -3.59
CA PRO A 161 -7.65 -17.82 -2.73
C PRO A 161 -8.41 -19.13 -2.53
N VAL A 162 -7.79 -20.05 -1.80
CA VAL A 162 -8.44 -21.28 -1.37
C VAL A 162 -8.32 -21.37 0.14
N THR A 163 -9.30 -22.00 0.78
CA THR A 163 -9.32 -22.14 2.23
C THR A 163 -9.28 -23.63 2.58
N VAL A 164 -8.53 -23.95 3.63
CA VAL A 164 -8.32 -25.34 4.05
C VAL A 164 -8.60 -25.43 5.55
N SER A 165 -9.55 -26.28 5.91
CA SER A 165 -9.81 -26.63 7.30
C SER A 165 -9.46 -28.09 7.52
N TRP A 166 -9.32 -28.46 8.80
CA TRP A 166 -9.02 -29.84 9.16
C TRP A 166 -10.04 -30.31 10.19
N ASN A 167 -10.73 -31.40 9.88
CA ASN A 167 -11.82 -31.94 10.70
C ASN A 167 -12.85 -30.86 11.01
N SER A 168 -13.24 -30.13 9.96
CA SER A 168 -14.25 -29.06 10.05
C SER A 168 -13.82 -27.98 11.05
N GLY A 169 -12.53 -27.68 11.09
CA GLY A 169 -12.02 -26.64 11.95
C GLY A 169 -11.77 -27.05 13.39
N ALA A 170 -11.83 -28.34 13.70
CA ALA A 170 -11.58 -28.78 15.07
C ALA A 170 -10.10 -28.95 15.36
N LEU A 171 -9.28 -29.19 14.33
CA LEU A 171 -7.86 -29.43 14.47
C LEU A 171 -7.09 -28.27 13.85
N THR A 172 -6.55 -27.39 14.69
CA THR A 172 -5.77 -26.25 14.24
C THR A 172 -4.31 -26.30 14.65
N SER A 173 -4.00 -26.89 15.81
CA SER A 173 -2.63 -26.93 16.29
C SER A 173 -1.77 -27.80 15.39
N GLY A 174 -0.58 -27.32 15.07
CA GLY A 174 0.34 -28.08 14.24
C GLY A 174 -0.04 -28.18 12.79
N VAL A 175 -0.74 -27.17 12.25
CA VAL A 175 -1.17 -27.16 10.86
C VAL A 175 -0.38 -26.08 10.12
N HIS A 176 0.11 -26.42 8.93
CA HIS A 176 0.87 -25.50 8.09
C HIS A 176 0.23 -25.47 6.71
N THR A 177 -0.61 -24.46 6.47
CA THR A 177 -1.19 -24.23 5.15
C THR A 177 -0.25 -23.33 4.37
N PHE A 178 0.46 -23.90 3.40
CA PHE A 178 1.50 -23.19 2.69
C PHE A 178 0.91 -22.14 1.75
N PRO A 179 1.68 -21.11 1.42
CA PRO A 179 1.23 -20.15 0.39
C PRO A 179 1.13 -20.82 -0.96
N ALA A 180 0.20 -20.32 -1.77
CA ALA A 180 0.00 -20.86 -3.11
C ALA A 180 1.20 -20.54 -3.99
N VAL A 181 1.41 -21.39 -5.00
CA VAL A 181 2.48 -21.21 -5.97
C VAL A 181 1.85 -21.20 -7.36
N LEU A 182 2.35 -20.31 -8.22
CA LEU A 182 1.83 -20.19 -9.58
C LEU A 182 2.62 -21.11 -10.50
N GLN A 183 1.95 -22.15 -11.01
CA GLN A 183 2.59 -23.08 -11.94
C GLN A 183 2.76 -22.41 -13.30
N SER A 184 3.48 -23.12 -14.19
CA SER A 184 3.73 -22.59 -15.52
C SER A 184 2.45 -22.48 -16.34
N SER A 185 1.48 -23.37 -16.08
CA SER A 185 0.20 -23.36 -16.79
C SER A 185 -0.70 -22.19 -16.39
N GLY A 186 -0.25 -21.26 -15.55
CA GLY A 186 -1.10 -20.18 -15.07
C GLY A 186 -2.04 -20.56 -13.96
N LEU A 187 -2.02 -21.81 -13.50
CA LEU A 187 -2.88 -22.26 -12.41
C LEU A 187 -2.09 -22.29 -11.10
N TYR A 188 -2.83 -22.20 -10.00
CA TYR A 188 -2.23 -22.22 -8.68
C TYR A 188 -2.22 -23.62 -8.09
N SER A 189 -1.26 -23.87 -7.20
CA SER A 189 -1.14 -25.14 -6.51
C SER A 189 -0.74 -24.88 -5.07
N LEU A 190 -1.40 -25.57 -4.15
CA LEU A 190 -1.22 -25.33 -2.72
C LEU A 190 -1.23 -26.66 -1.98
N SER A 191 -0.61 -26.66 -0.81
CA SER A 191 -0.60 -27.83 0.06
C SER A 191 -0.72 -27.39 1.52
N SER A 192 -1.52 -28.14 2.28
CA SER A 192 -1.66 -27.94 3.71
C SER A 192 -1.29 -29.24 4.41
N VAL A 193 -0.48 -29.14 5.47
CA VAL A 193 0.03 -30.31 6.18
C VAL A 193 -0.20 -30.14 7.68
N VAL A 194 -0.23 -31.27 8.38
CA VAL A 194 -0.39 -31.30 9.83
C VAL A 194 0.62 -32.29 10.40
N THR A 195 1.33 -31.88 11.44
CA THR A 195 2.32 -32.71 12.11
C THR A 195 1.78 -33.12 13.47
N VAL A 196 1.83 -34.42 13.75
CA VAL A 196 1.36 -34.96 15.03
C VAL A 196 2.43 -35.92 15.56
N PRO A 197 2.40 -36.21 16.86
CA PRO A 197 3.26 -37.28 17.38
C PRO A 197 2.92 -38.60 16.72
N SER A 198 3.95 -39.45 16.57
CA SER A 198 3.80 -40.69 15.82
C SER A 198 2.78 -41.61 16.48
N SER A 199 2.73 -41.62 17.81
CA SER A 199 1.74 -42.44 18.50
C SER A 199 0.31 -41.98 18.22
N SER A 200 0.13 -40.74 17.81
CA SER A 200 -1.18 -40.20 17.49
C SER A 200 -1.49 -40.26 15.99
N LEU A 201 -0.65 -40.93 15.21
CA LEU A 201 -0.88 -41.02 13.76
C LEU A 201 -2.07 -41.91 13.46
N GLY A 202 -2.06 -43.14 13.95
CA GLY A 202 -3.18 -44.05 13.83
C GLY A 202 -4.20 -43.91 14.93
N THR A 203 -4.03 -42.95 15.83
CA THR A 203 -4.96 -42.75 16.93
C THR A 203 -6.27 -42.11 16.46
N GLN A 204 -6.19 -41.12 15.56
CA GLN A 204 -7.39 -40.42 15.13
C GLN A 204 -7.61 -40.46 13.63
N THR A 205 -8.57 -39.68 13.15
CA THR A 205 -8.91 -39.58 11.74
C THR A 205 -8.71 -38.14 11.28
N TYR A 206 -8.16 -37.98 10.08
CA TYR A 206 -7.81 -36.68 9.52
C TYR A 206 -8.59 -36.45 8.24
N ILE A 207 -9.29 -35.32 8.17
CA ILE A 207 -10.04 -34.93 6.98
C ILE A 207 -9.81 -33.45 6.75
N CYS A 208 -9.25 -33.11 5.59
CA CYS A 208 -9.05 -31.71 5.22
C CYS A 208 -10.26 -31.23 4.42
N ASN A 209 -10.62 -29.96 4.63
CA ASN A 209 -11.81 -29.38 4.04
C ASN A 209 -11.37 -28.24 3.12
N VAL A 210 -11.33 -28.51 1.82
CA VAL A 210 -10.88 -27.55 0.83
C VAL A 210 -12.10 -26.82 0.27
N ASN A 211 -12.12 -25.51 0.42
CA ASN A 211 -13.22 -24.67 -0.06
C ASN A 211 -12.67 -23.66 -1.06
N HIS A 212 -13.33 -23.55 -2.21
CA HIS A 212 -12.92 -22.63 -3.26
C HIS A 212 -14.18 -21.91 -3.76
N LYS A 213 -14.35 -20.66 -3.34
CA LYS A 213 -15.55 -19.88 -3.62
C LYS A 213 -15.65 -19.39 -5.05
N PRO A 214 -14.56 -18.94 -5.70
CA PRO A 214 -14.69 -18.51 -7.11
C PRO A 214 -15.27 -19.56 -8.04
N SER A 215 -15.10 -20.85 -7.73
CA SER A 215 -15.71 -21.91 -8.52
C SER A 215 -16.81 -22.66 -7.76
N ASN A 216 -17.15 -22.21 -6.55
CA ASN A 216 -18.16 -22.86 -5.72
C ASN A 216 -17.86 -24.34 -5.54
N THR A 217 -16.59 -24.65 -5.27
CA THR A 217 -16.12 -26.01 -5.10
C THR A 217 -15.74 -26.25 -3.65
N LYS A 218 -16.32 -27.29 -3.05
CA LYS A 218 -16.02 -27.69 -1.69
C LYS A 218 -15.77 -29.20 -1.68
N VAL A 219 -14.57 -29.59 -1.27
CA VAL A 219 -14.15 -30.98 -1.29
C VAL A 219 -13.62 -31.36 0.08
N ASP A 220 -14.16 -32.44 0.65
CA ASP A 220 -13.64 -33.04 1.87
C ASP A 220 -12.91 -34.33 1.50
N LYS A 221 -11.68 -34.47 1.96
CA LYS A 221 -10.83 -35.59 1.59
C LYS A 221 -10.29 -36.27 2.83
N LYS A 222 -10.50 -37.59 2.90
CA LYS A 222 -9.98 -38.38 4.01
C LYS A 222 -8.51 -38.71 3.76
N VAL A 223 -7.67 -38.50 4.76
CA VAL A 223 -6.24 -38.71 4.66
C VAL A 223 -5.83 -39.82 5.63
N GLU A 224 -5.31 -40.92 5.11
CA GLU A 224 -4.87 -42.05 5.90
C GLU A 224 -3.64 -42.67 5.25
N PRO A 225 -2.72 -43.21 6.06
CA PRO A 225 -1.52 -43.90 5.55
C PRO A 225 -1.85 -45.14 4.73
N GLU B 1 14.12 10.98 -10.73
CA GLU B 1 13.64 10.10 -9.66
C GLU B 1 14.77 9.75 -8.69
N ILE B 2 14.50 9.94 -7.40
CA ILE B 2 15.49 9.68 -6.35
C ILE B 2 15.45 8.20 -5.99
N GLU B 3 16.61 7.56 -6.04
CA GLU B 3 16.72 6.14 -5.74
C GLU B 3 17.04 5.98 -4.25
N LEU B 4 16.20 5.20 -3.56
CA LEU B 4 16.35 4.95 -2.13
C LEU B 4 16.79 3.50 -1.93
N THR B 5 18.00 3.31 -1.44
CA THR B 5 18.57 1.97 -1.22
C THR B 5 18.59 1.68 0.27
N GLN B 6 18.04 0.53 0.66
CA GLN B 6 18.03 0.09 2.05
C GLN B 6 18.94 -1.11 2.24
N SER B 7 19.54 -1.19 3.42
CA SER B 7 20.46 -2.26 3.75
C SER B 7 20.44 -2.46 5.26
N PRO B 8 20.58 -3.70 5.74
CA PRO B 8 20.69 -4.91 4.92
C PRO B 8 19.33 -5.35 4.40
N GLY B 9 19.32 -6.29 3.45
CA GLY B 9 18.04 -6.81 2.98
C GLY B 9 17.28 -7.55 4.08
N THR B 10 18.01 -8.25 4.95
CA THR B 10 17.41 -9.00 6.04
C THR B 10 18.27 -8.84 7.28
N LEU B 11 17.62 -8.55 8.41
CA LEU B 11 18.30 -8.44 9.69
C LEU B 11 17.73 -9.48 10.63
N SER B 12 18.58 -10.34 11.17
CA SER B 12 18.18 -11.43 12.06
C SER B 12 18.70 -11.11 13.46
N LEU B 13 17.80 -10.71 14.35
CA LEU B 13 18.16 -10.36 15.71
C LEU B 13 17.17 -10.97 16.68
N SER B 14 17.63 -11.23 17.90
CA SER B 14 16.81 -11.77 18.97
C SER B 14 16.08 -10.66 19.70
N PRO B 15 14.93 -10.97 20.32
CA PRO B 15 14.20 -9.95 21.07
C PRO B 15 15.07 -9.37 22.19
N GLY B 16 15.16 -8.04 22.22
CA GLY B 16 15.95 -7.32 23.19
C GLY B 16 17.15 -6.59 22.59
N GLU B 17 17.65 -7.07 21.46
CA GLU B 17 18.83 -6.48 20.83
C GLU B 17 18.45 -5.19 20.12
N ARG B 18 19.49 -4.44 19.71
CA ARG B 18 19.31 -3.19 18.99
C ARG B 18 19.35 -3.45 17.49
N ALA B 19 18.38 -2.89 16.77
CA ALA B 19 18.30 -2.99 15.33
C ALA B 19 18.54 -1.61 14.72
N THR B 20 19.49 -1.53 13.78
CA THR B 20 19.75 -0.31 13.04
C THR B 20 19.58 -0.59 11.56
N LEU B 21 18.66 0.12 10.92
CA LEU B 21 18.38 -0.02 9.50
C LEU B 21 18.84 1.23 8.76
N SER B 22 19.36 1.05 7.55
CA SER B 22 19.95 2.15 6.78
C SER B 22 19.15 2.41 5.52
N CYS B 23 19.11 3.69 5.13
CA CYS B 23 18.46 4.14 3.90
C CYS B 23 19.36 5.16 3.25
N ARG B 24 19.78 4.89 2.02
CA ARG B 24 20.75 5.72 1.30
C ARG B 24 20.14 6.22 0.00
N ALA B 25 20.12 7.53 -0.17
CA ALA B 25 19.55 8.16 -1.35
C ALA B 25 20.63 8.52 -2.37
N SER B 26 20.20 8.61 -3.63
CA SER B 26 21.11 9.02 -4.69
C SER B 26 21.33 10.53 -4.69
N GLN B 27 20.26 11.30 -4.54
CA GLN B 27 20.35 12.74 -4.36
C GLN B 27 20.36 13.09 -2.87
N SER B 28 20.80 14.30 -2.58
CA SER B 28 20.79 14.82 -1.21
C SER B 28 19.37 15.30 -0.91
N VAL B 29 18.59 14.47 -0.23
CA VAL B 29 17.22 14.82 0.11
C VAL B 29 17.23 15.65 1.39
N SER B 30 16.17 16.44 1.56
CA SER B 30 16.03 17.24 2.77
C SER B 30 15.59 16.37 3.94
N SER B 31 16.22 16.58 5.09
CA SER B 31 15.91 15.78 6.27
C SER B 31 14.50 16.00 6.78
N SER B 32 13.78 16.99 6.27
CA SER B 32 12.40 17.22 6.69
C SER B 32 11.41 16.35 5.94
N TYR B 33 11.82 15.68 4.86
CA TYR B 33 10.90 14.92 4.03
C TYR B 33 11.32 13.47 3.89
N LEU B 34 11.67 12.83 5.00
CA LEU B 34 11.95 11.40 5.03
C LEU B 34 11.07 10.73 6.08
N ALA B 35 10.44 9.62 5.70
CA ALA B 35 9.56 8.89 6.58
C ALA B 35 9.93 7.41 6.57
N TRP B 36 9.69 6.76 7.71
CA TRP B 36 9.87 5.32 7.86
C TRP B 36 8.51 4.67 8.11
N TYR B 37 8.31 3.48 7.55
CA TYR B 37 7.06 2.76 7.67
C TYR B 37 7.32 1.34 8.15
N GLN B 38 6.36 0.81 8.91
CA GLN B 38 6.37 -0.57 9.37
C GLN B 38 5.25 -1.33 8.68
N GLN B 39 5.55 -2.51 8.16
CA GLN B 39 4.56 -3.31 7.44
C GLN B 39 4.71 -4.77 7.82
N LYS B 40 3.62 -5.35 8.29
CA LYS B 40 3.49 -6.76 8.65
C LYS B 40 2.74 -7.52 7.56
N PRO B 41 3.02 -8.81 7.41
CA PRO B 41 2.44 -9.57 6.29
C PRO B 41 0.92 -9.52 6.30
N GLY B 42 0.35 -9.09 5.16
CA GLY B 42 -1.07 -8.98 4.99
C GLY B 42 -1.64 -7.60 5.27
N GLN B 43 -0.97 -6.82 6.12
CA GLN B 43 -1.49 -5.54 6.57
C GLN B 43 -0.89 -4.39 5.76
N ALA B 44 -1.48 -3.21 5.94
CA ALA B 44 -1.02 -1.99 5.29
C ALA B 44 0.13 -1.36 6.09
N PRO B 45 1.02 -0.64 5.42
CA PRO B 45 2.15 -0.03 6.13
C PRO B 45 1.70 0.99 7.16
N ARG B 46 2.39 1.00 8.29
CA ARG B 46 2.12 1.93 9.37
C ARG B 46 3.30 2.87 9.55
N LEU B 47 3.01 4.16 9.71
CA LEU B 47 4.05 5.18 9.79
C LEU B 47 4.70 5.22 11.16
N LEU B 48 6.03 5.31 11.18
CA LEU B 48 6.80 5.35 12.41
C LEU B 48 7.48 6.70 12.62
N ILE B 49 8.29 7.14 11.66
CA ILE B 49 9.04 8.39 11.74
C ILE B 49 8.64 9.26 10.55
N TYR B 50 8.57 10.57 10.78
CA TYR B 50 8.43 11.55 9.71
C TYR B 50 9.39 12.71 9.99
N GLY B 51 9.84 13.37 8.93
CA GLY B 51 10.87 14.36 9.10
C GLY B 51 12.19 13.80 9.56
N ALA B 52 12.41 12.49 9.34
CA ALA B 52 13.65 11.79 9.63
C ALA B 52 13.94 11.69 11.13
N SER B 53 13.15 12.36 11.97
CA SER B 53 13.43 12.37 13.39
C SER B 53 12.17 12.20 14.24
N SER B 54 11.12 12.93 13.91
CA SER B 54 9.93 12.96 14.75
C SER B 54 9.19 11.63 14.70
N ARG B 55 8.80 11.14 15.87
CA ARG B 55 7.99 9.92 15.95
C ARG B 55 6.52 10.26 15.71
N ALA B 56 5.80 9.30 15.14
CA ALA B 56 4.37 9.47 14.94
C ALA B 56 3.62 9.27 16.25
N THR B 57 2.42 9.83 16.32
CA THR B 57 1.59 9.69 17.50
C THR B 57 1.19 8.23 17.67
N GLY B 58 1.53 7.65 18.82
CA GLY B 58 1.27 6.26 19.08
C GLY B 58 2.41 5.31 18.81
N ILE B 59 3.61 5.82 18.58
CA ILE B 59 4.78 5.00 18.30
C ILE B 59 5.63 4.96 19.56
N PRO B 60 6.09 3.78 20.00
CA PRO B 60 6.89 3.71 21.22
C PRO B 60 8.20 4.47 21.11
N ASP B 61 8.81 4.76 22.26
CA ASP B 61 10.02 5.57 22.30
C ASP B 61 11.22 4.84 21.70
N ARG B 62 11.23 3.51 21.77
CA ARG B 62 12.38 2.74 21.29
C ARG B 62 12.62 2.93 19.80
N PHE B 63 11.61 3.33 19.03
CA PHE B 63 11.82 3.72 17.64
C PHE B 63 12.44 5.11 17.60
N SER B 64 13.40 5.29 16.70
CA SER B 64 14.05 6.59 16.55
C SER B 64 14.77 6.62 15.21
N GLY B 65 14.74 7.78 14.55
CA GLY B 65 15.41 7.95 13.29
C GLY B 65 16.34 9.15 13.33
N SER B 66 17.30 9.14 12.42
CA SER B 66 18.27 10.22 12.32
C SER B 66 18.89 10.18 10.93
N GLY B 67 19.81 11.11 10.68
CA GLY B 67 20.50 11.18 9.42
C GLY B 67 20.21 12.48 8.68
N SER B 68 21.01 12.70 7.64
CA SER B 68 20.85 13.88 6.80
C SER B 68 21.56 13.64 5.47
N GLY B 69 21.19 14.44 4.48
CA GLY B 69 21.79 14.32 3.15
C GLY B 69 21.41 13.04 2.44
N THR B 70 22.39 12.16 2.23
CA THR B 70 22.16 10.93 1.50
C THR B 70 21.95 9.71 2.39
N ASP B 71 22.40 9.75 3.63
CA ASP B 71 22.40 8.58 4.51
C ASP B 71 21.44 8.80 5.67
N PHE B 72 20.51 7.87 5.84
CA PHE B 72 19.52 7.92 6.91
C PHE B 72 19.44 6.58 7.62
N THR B 73 19.08 6.63 8.91
CA THR B 73 19.06 5.43 9.74
C THR B 73 17.85 5.44 10.65
N LEU B 74 17.25 4.26 10.82
CA LEU B 74 16.18 4.03 11.78
C LEU B 74 16.70 3.04 12.82
N THR B 75 16.46 3.33 14.10
CA THR B 75 16.99 2.53 15.19
C THR B 75 15.85 2.04 16.08
N ILE B 76 15.83 0.74 16.34
CA ILE B 76 14.94 0.13 17.31
C ILE B 76 15.83 -0.33 18.46
N SER B 77 15.81 0.41 19.56
CA SER B 77 16.82 0.23 20.61
C SER B 77 16.65 -1.10 21.34
N ARG B 78 15.41 -1.51 21.60
CA ARG B 78 15.12 -2.76 22.31
C ARG B 78 14.01 -3.47 21.55
N LEU B 79 14.38 -4.44 20.72
CA LEU B 79 13.42 -5.15 19.89
C LEU B 79 12.42 -5.91 20.75
N GLU B 80 11.14 -5.67 20.50
CA GLU B 80 10.04 -6.45 21.06
C GLU B 80 9.52 -7.42 20.02
N PRO B 81 8.82 -8.47 20.43
CA PRO B 81 8.29 -9.46 19.46
C PRO B 81 7.44 -8.85 18.36
N GLU B 82 6.67 -7.80 18.66
CA GLU B 82 5.78 -7.20 17.67
C GLU B 82 6.49 -6.17 16.79
N ASP B 83 7.79 -5.99 16.95
CA ASP B 83 8.56 -5.11 16.07
C ASP B 83 9.11 -5.81 14.85
N PHE B 84 9.00 -7.14 14.79
CA PHE B 84 9.60 -7.90 13.70
C PHE B 84 8.69 -7.88 12.48
N ALA B 85 9.17 -7.27 11.41
CA ALA B 85 8.41 -7.07 10.18
C ALA B 85 9.35 -6.47 9.13
N VAL B 86 8.79 -5.95 8.04
CA VAL B 86 9.57 -5.27 7.03
C VAL B 86 9.40 -3.77 7.21
N TYR B 87 10.47 -3.02 6.91
CA TYR B 87 10.49 -1.58 7.12
C TYR B 87 10.85 -0.89 5.81
N TYR B 88 10.24 0.27 5.57
CA TYR B 88 10.41 1.01 4.34
C TYR B 88 10.72 2.47 4.64
N CYS B 89 11.66 3.04 3.90
CA CYS B 89 11.95 4.47 3.98
C CYS B 89 11.35 5.16 2.76
N GLN B 90 10.69 6.29 3.00
CA GLN B 90 10.07 7.08 1.95
C GLN B 90 10.61 8.50 1.99
N GLN B 91 10.81 9.08 0.81
CA GLN B 91 11.09 10.51 0.68
C GLN B 91 9.93 11.17 -0.04
N TYR B 92 9.54 12.34 0.45
CA TYR B 92 8.41 13.07 -0.12
C TYR B 92 8.77 14.53 -0.30
N GLY B 93 9.97 14.80 -0.81
CA GLY B 93 10.41 16.15 -1.05
C GLY B 93 10.63 16.46 -2.52
N SER B 94 10.72 15.42 -3.34
CA SER B 94 10.91 15.56 -4.78
C SER B 94 9.65 15.11 -5.51
N SER B 95 9.46 15.66 -6.72
CA SER B 95 8.20 15.51 -7.42
C SER B 95 7.72 14.06 -7.57
N PRO B 96 8.56 13.07 -7.93
CA PRO B 96 8.10 11.68 -7.83
C PRO B 96 8.54 11.04 -6.52
N GLN B 97 7.62 10.99 -5.55
CA GLN B 97 7.95 10.42 -4.25
C GLN B 97 8.27 8.93 -4.38
N THR B 98 9.31 8.50 -3.69
CA THR B 98 9.86 7.16 -3.87
C THR B 98 9.99 6.46 -2.53
N PHE B 99 10.01 5.13 -2.60
CA PHE B 99 10.19 4.25 -1.46
C PHE B 99 11.37 3.33 -1.71
N GLY B 100 12.02 2.91 -0.63
CA GLY B 100 13.10 1.96 -0.75
C GLY B 100 12.59 0.53 -0.76
N GLN B 101 13.49 -0.39 -1.10
CA GLN B 101 13.18 -1.81 -1.00
C GLN B 101 13.17 -2.23 0.47
N GLY B 102 12.42 -3.27 0.77
CA GLY B 102 12.16 -3.61 2.16
C GLY B 102 13.40 -4.10 2.89
N THR B 103 13.50 -3.72 4.17
CA THR B 103 14.44 -4.31 5.11
C THR B 103 13.63 -5.11 6.11
N LYS B 104 13.82 -6.42 6.13
CA LYS B 104 13.05 -7.31 6.97
C LYS B 104 13.82 -7.62 8.25
N VAL B 105 13.21 -7.32 9.39
CA VAL B 105 13.73 -7.70 10.69
C VAL B 105 13.07 -9.02 11.08
N GLU B 106 13.89 -10.00 11.45
CA GLU B 106 13.44 -11.37 11.66
C GLU B 106 13.95 -11.88 13.00
N ILE B 107 13.12 -12.67 13.68
CA ILE B 107 13.48 -13.17 15.00
C ILE B 107 14.60 -14.19 14.87
N LYS B 108 15.66 -14.00 15.66
CA LYS B 108 16.75 -14.95 15.73
C LYS B 108 16.52 -15.91 16.89
N ARG B 109 16.56 -17.21 16.59
CA ARG B 109 16.46 -18.24 17.61
C ARG B 109 17.57 -19.26 17.36
N THR B 110 17.64 -20.28 18.22
CA THR B 110 18.66 -21.30 18.06
C THR B 110 18.46 -22.05 16.76
N VAL B 111 19.56 -22.43 16.13
CA VAL B 111 19.49 -23.19 14.88
C VAL B 111 18.79 -24.51 15.14
N ALA B 112 17.74 -24.78 14.35
CA ALA B 112 16.98 -26.02 14.45
C ALA B 112 16.89 -26.65 13.07
N ALA B 113 17.29 -27.91 12.98
CA ALA B 113 17.27 -28.64 11.73
C ALA B 113 15.85 -29.11 11.40
N PRO B 114 15.49 -29.17 10.12
CA PRO B 114 14.11 -29.50 9.77
C PRO B 114 13.79 -30.98 9.97
N SER B 115 12.49 -31.26 10.00
CA SER B 115 11.97 -32.62 9.97
C SER B 115 11.49 -32.88 8.54
N VAL B 116 12.15 -33.82 7.86
CA VAL B 116 11.95 -34.03 6.43
C VAL B 116 10.99 -35.19 6.22
N PHE B 117 10.03 -35.01 5.33
CA PHE B 117 9.09 -36.04 4.93
C PHE B 117 8.91 -35.99 3.42
N ILE B 118 8.65 -37.15 2.82
CA ILE B 118 8.36 -37.24 1.40
C ILE B 118 7.01 -37.93 1.21
N PHE B 119 6.25 -37.45 0.23
CA PHE B 119 4.90 -37.96 -0.01
C PHE B 119 4.79 -38.39 -1.48
N PRO B 120 4.57 -39.66 -1.75
CA PRO B 120 4.38 -40.10 -3.14
C PRO B 120 3.07 -39.59 -3.71
N PRO B 121 2.93 -39.55 -5.02
CA PRO B 121 1.66 -39.13 -5.61
C PRO B 121 0.58 -40.18 -5.39
N SER B 122 -0.65 -39.70 -5.19
CA SER B 122 -1.77 -40.59 -4.98
C SER B 122 -2.20 -41.25 -6.28
N ASP B 123 -2.74 -42.46 -6.16
CA ASP B 123 -3.31 -43.13 -7.32
C ASP B 123 -4.45 -42.33 -7.93
N GLU B 124 -5.16 -41.57 -7.10
CA GLU B 124 -6.22 -40.69 -7.60
C GLU B 124 -5.66 -39.69 -8.62
N GLN B 125 -4.43 -39.21 -8.40
CA GLN B 125 -3.83 -38.27 -9.34
C GLN B 125 -3.19 -38.98 -10.52
N LEU B 126 -2.61 -40.17 -10.30
CA LEU B 126 -1.92 -40.88 -11.38
C LEU B 126 -2.88 -41.28 -12.48
N LYS B 127 -4.13 -41.60 -12.14
CA LYS B 127 -5.13 -41.89 -13.16
C LYS B 127 -5.48 -40.68 -14.01
N SER B 128 -5.04 -39.47 -13.61
CA SER B 128 -5.36 -38.25 -14.33
C SER B 128 -4.17 -37.70 -15.11
N GLY B 129 -3.09 -38.47 -15.25
CA GLY B 129 -1.99 -38.11 -16.12
C GLY B 129 -0.91 -37.25 -15.50
N THR B 130 -1.04 -36.85 -14.23
CA THR B 130 -0.05 -36.01 -13.57
C THR B 130 0.47 -36.71 -12.33
N ALA B 131 1.71 -36.38 -11.95
CA ALA B 131 2.35 -36.96 -10.78
C ALA B 131 3.06 -35.86 -10.02
N SER B 132 2.70 -35.66 -8.75
CA SER B 132 3.30 -34.64 -7.90
C SER B 132 3.93 -35.32 -6.69
N VAL B 133 5.22 -35.10 -6.50
CA VAL B 133 5.96 -35.63 -5.36
C VAL B 133 6.30 -34.45 -4.45
N VAL B 134 5.99 -34.58 -3.17
CA VAL B 134 6.10 -33.49 -2.21
C VAL B 134 7.15 -33.82 -1.17
N CYS B 135 8.01 -32.84 -0.87
CA CYS B 135 9.00 -32.96 0.19
C CYS B 135 8.74 -31.86 1.21
N LEU B 136 8.59 -32.23 2.48
CA LEU B 136 8.18 -31.33 3.54
C LEU B 136 9.32 -31.12 4.52
N LEU B 137 9.70 -29.86 4.72
CA LEU B 137 10.67 -29.46 5.73
C LEU B 137 9.92 -28.70 6.81
N ASN B 138 9.96 -29.21 8.04
CA ASN B 138 9.05 -28.77 9.10
C ASN B 138 9.81 -28.19 10.29
N ASN B 139 9.43 -26.98 10.70
CA ASN B 139 9.91 -26.34 11.92
C ASN B 139 11.44 -26.28 11.99
N PHE B 140 12.03 -25.35 11.26
CA PHE B 140 13.48 -25.22 11.20
C PHE B 140 13.87 -23.75 11.16
N TYR B 141 15.04 -23.45 11.75
CA TYR B 141 15.63 -22.13 11.71
C TYR B 141 17.12 -22.29 11.46
N PRO B 142 17.72 -21.46 10.58
CA PRO B 142 17.05 -20.36 9.87
C PRO B 142 16.35 -20.77 8.58
N ARG B 143 15.83 -19.76 7.87
CA ARG B 143 15.02 -20.01 6.68
C ARG B 143 15.85 -20.59 5.54
N GLU B 144 17.15 -20.31 5.51
CA GLU B 144 18.02 -20.79 4.45
C GLU B 144 18.10 -22.32 4.47
N ALA B 145 17.67 -22.94 3.39
CA ALA B 145 17.75 -24.39 3.24
C ALA B 145 17.82 -24.73 1.76
N LYS B 146 18.23 -25.96 1.47
CA LYS B 146 18.35 -26.43 0.09
C LYS B 146 17.70 -27.80 -0.04
N VAL B 147 16.91 -27.98 -1.09
CA VAL B 147 16.20 -29.23 -1.37
C VAL B 147 16.61 -29.69 -2.77
N GLN B 148 17.16 -30.89 -2.87
CA GLN B 148 17.57 -31.46 -4.14
C GLN B 148 16.75 -32.72 -4.42
N TRP B 149 16.19 -32.79 -5.62
CA TRP B 149 15.45 -33.97 -6.07
C TRP B 149 16.34 -34.85 -6.92
N LYS B 150 16.32 -36.16 -6.64
CA LYS B 150 17.07 -37.14 -7.40
C LYS B 150 16.15 -38.28 -7.80
N VAL B 151 15.93 -38.45 -9.09
CA VAL B 151 15.09 -39.50 -9.63
C VAL B 151 16.00 -40.56 -10.22
N ASP B 152 16.01 -41.75 -9.61
CA ASP B 152 16.96 -42.80 -9.92
C ASP B 152 18.39 -42.26 -9.87
N ASN B 153 18.70 -41.61 -8.75
CA ASN B 153 20.01 -41.03 -8.45
C ASN B 153 20.38 -39.87 -9.38
N ALA B 154 19.51 -39.54 -10.33
CA ALA B 154 19.77 -38.46 -11.27
C ALA B 154 19.21 -37.16 -10.72
N LEU B 155 20.09 -36.18 -10.51
CA LEU B 155 19.67 -34.89 -9.97
C LEU B 155 18.71 -34.19 -10.91
N GLN B 156 17.65 -33.60 -10.34
CA GLN B 156 16.64 -32.91 -11.11
C GLN B 156 16.91 -31.41 -11.14
N SER B 157 16.23 -30.74 -12.08
CA SER B 157 16.38 -29.29 -12.25
C SER B 157 15.31 -28.74 -13.19
N GLY B 158 14.53 -27.77 -12.71
CA GLY B 158 13.57 -27.08 -13.54
C GLY B 158 12.14 -27.58 -13.46
N ASN B 159 11.90 -28.70 -12.77
CA ASN B 159 10.57 -29.27 -12.65
C ASN B 159 10.12 -29.32 -11.19
N SER B 160 10.50 -28.32 -10.41
CA SER B 160 10.16 -28.28 -9.00
C SER B 160 9.92 -26.84 -8.58
N GLN B 161 9.03 -26.66 -7.60
CA GLN B 161 8.72 -25.35 -7.03
C GLN B 161 8.69 -25.46 -5.52
N GLU B 162 9.02 -24.36 -4.85
CA GLU B 162 9.08 -24.31 -3.40
C GLU B 162 8.02 -23.36 -2.86
N SER B 163 7.77 -23.49 -1.56
CA SER B 163 6.82 -22.63 -0.84
C SER B 163 7.18 -22.66 0.64
N VAL B 164 7.25 -21.48 1.24
CA VAL B 164 7.72 -21.34 2.62
C VAL B 164 6.68 -20.56 3.43
N THR B 165 6.54 -20.93 4.69
CA THR B 165 5.65 -20.23 5.60
C THR B 165 6.35 -19.02 6.21
N GLU B 166 5.55 -18.12 6.76
CA GLU B 166 6.12 -17.05 7.57
C GLU B 166 6.64 -17.62 8.88
N GLN B 167 7.43 -16.81 9.58
CA GLN B 167 8.01 -17.25 10.85
C GLN B 167 6.89 -17.47 11.87
N ASP B 168 6.88 -18.66 12.47
CA ASP B 168 5.81 -19.04 13.38
C ASP B 168 5.78 -18.12 14.60
N SER B 169 4.57 -17.89 15.11
CA SER B 169 4.40 -16.97 16.23
C SER B 169 4.95 -17.53 17.54
N LYS B 170 4.88 -18.85 17.71
CA LYS B 170 5.23 -19.45 19.00
C LYS B 170 6.72 -19.82 19.09
N ASP B 171 7.24 -20.55 18.11
CA ASP B 171 8.63 -21.01 18.17
C ASP B 171 9.55 -20.33 17.19
N SER B 172 9.04 -19.39 16.39
CA SER B 172 9.86 -18.58 15.48
C SER B 172 10.65 -19.43 14.49
N THR B 173 10.04 -20.53 14.05
CA THR B 173 10.66 -21.40 13.05
C THR B 173 9.95 -21.23 11.71
N TYR B 174 10.51 -21.89 10.70
CA TYR B 174 9.96 -21.89 9.34
C TYR B 174 9.60 -23.30 8.93
N SER B 175 8.74 -23.40 7.92
CA SER B 175 8.45 -24.67 7.26
C SER B 175 8.48 -24.45 5.76
N LEU B 176 8.86 -25.50 5.03
CA LEU B 176 9.08 -25.42 3.60
C LEU B 176 8.49 -26.64 2.92
N SER B 177 7.99 -26.43 1.70
CA SER B 177 7.47 -27.50 0.86
C SER B 177 8.09 -27.39 -0.52
N SER B 178 8.44 -28.53 -1.10
CA SER B 178 8.98 -28.59 -2.45
C SER B 178 8.20 -29.65 -3.22
N THR B 179 7.59 -29.25 -4.32
CA THR B 179 6.74 -30.12 -5.12
C THR B 179 7.45 -30.43 -6.44
N LEU B 180 7.65 -31.72 -6.71
CA LEU B 180 8.19 -32.18 -7.98
C LEU B 180 7.04 -32.63 -8.86
N THR B 181 6.88 -31.99 -10.02
CA THR B 181 5.76 -32.26 -10.92
C THR B 181 6.27 -32.96 -12.17
N LEU B 182 5.77 -34.17 -12.41
CA LEU B 182 6.07 -34.95 -13.60
C LEU B 182 4.78 -35.36 -14.28
N SER B 183 4.90 -35.82 -15.51
CA SER B 183 3.76 -36.47 -16.15
C SER B 183 3.66 -37.91 -15.68
N LYS B 184 2.46 -38.48 -15.82
CA LYS B 184 2.29 -39.90 -15.50
C LYS B 184 3.23 -40.76 -16.33
N ALA B 185 3.47 -40.37 -17.58
CA ALA B 185 4.35 -41.14 -18.46
C ALA B 185 5.76 -41.19 -17.91
N ASP B 186 6.36 -40.02 -17.65
CA ASP B 186 7.73 -39.98 -17.18
C ASP B 186 7.88 -40.47 -15.74
N TYR B 187 6.81 -40.42 -14.95
CA TYR B 187 6.89 -40.88 -13.57
C TYR B 187 7.07 -42.39 -13.52
N GLU B 188 6.30 -43.14 -14.32
CA GLU B 188 6.36 -44.60 -14.31
C GLU B 188 7.64 -45.14 -14.93
N LYS B 189 8.41 -44.31 -15.64
CA LYS B 189 9.66 -44.75 -16.26
C LYS B 189 10.82 -44.77 -15.28
N HIS B 190 10.58 -44.54 -13.99
CA HIS B 190 11.66 -44.49 -13.02
C HIS B 190 11.17 -45.05 -11.69
N LYS B 191 12.12 -45.51 -10.88
CA LYS B 191 11.83 -46.27 -9.67
C LYS B 191 12.02 -45.48 -8.37
N VAL B 192 13.19 -44.89 -8.17
CA VAL B 192 13.56 -44.29 -6.90
C VAL B 192 13.35 -42.79 -6.98
N TYR B 193 12.67 -42.23 -5.98
CA TYR B 193 12.43 -40.79 -5.89
C TYR B 193 12.87 -40.32 -4.51
N ALA B 194 13.94 -39.53 -4.47
CA ALA B 194 14.56 -39.11 -3.23
C ALA B 194 14.55 -37.60 -3.11
N CYS B 195 14.49 -37.12 -1.86
CA CYS B 195 14.59 -35.71 -1.54
C CYS B 195 15.79 -35.52 -0.62
N GLU B 196 16.78 -34.77 -1.08
CA GLU B 196 18.00 -34.53 -0.34
C GLU B 196 17.98 -33.12 0.23
N VAL B 197 18.01 -33.02 1.56
CA VAL B 197 17.88 -31.76 2.27
C VAL B 197 19.20 -31.40 2.91
N THR B 198 19.60 -30.13 2.78
CA THR B 198 20.81 -29.61 3.41
C THR B 198 20.46 -28.33 4.13
N HIS B 199 20.76 -28.28 5.44
CA HIS B 199 20.45 -27.14 6.27
C HIS B 199 21.64 -26.82 7.16
N GLN B 200 21.66 -25.59 7.69
CA GLN B 200 22.75 -25.18 8.57
C GLN B 200 22.85 -26.07 9.80
N GLY B 201 21.71 -26.51 10.33
CA GLY B 201 21.70 -27.36 11.51
C GLY B 201 21.90 -28.83 11.25
N LEU B 202 22.22 -29.22 10.03
CA LEU B 202 22.44 -30.61 9.68
C LEU B 202 23.92 -30.84 9.44
N SER B 203 24.50 -31.79 10.17
CA SER B 203 25.91 -32.13 9.96
C SER B 203 26.12 -32.75 8.59
N SER B 204 25.30 -33.73 8.24
CA SER B 204 25.28 -34.35 6.92
C SER B 204 23.89 -34.24 6.33
N PRO B 205 23.75 -34.31 5.00
CA PRO B 205 22.41 -34.21 4.41
C PRO B 205 21.48 -35.31 4.90
N VAL B 206 20.19 -35.01 4.89
CA VAL B 206 19.13 -35.94 5.26
C VAL B 206 18.31 -36.22 4.01
N THR B 207 18.23 -37.49 3.62
CA THR B 207 17.54 -37.89 2.40
C THR B 207 16.34 -38.76 2.75
N LYS B 208 15.20 -38.46 2.15
CA LYS B 208 14.00 -39.27 2.25
C LYS B 208 13.59 -39.72 0.85
N SER B 209 13.21 -41.00 0.73
CA SER B 209 12.92 -41.54 -0.59
C SER B 209 11.83 -42.60 -0.49
N PHE B 210 11.27 -42.93 -1.64
CA PHE B 210 10.38 -44.07 -1.79
C PHE B 210 10.67 -44.75 -3.11
N ASN B 211 10.13 -45.94 -3.28
CA ASN B 211 10.28 -46.72 -4.51
C ASN B 211 8.91 -46.85 -5.16
N ARG B 212 8.81 -46.40 -6.42
CA ARG B 212 7.53 -46.41 -7.11
C ARG B 212 6.98 -47.83 -7.22
N GLY B 213 5.69 -47.97 -6.95
CA GLY B 213 5.06 -49.28 -6.97
C GLY B 213 5.33 -50.14 -5.77
N GLU B 214 5.82 -49.57 -4.69
CA GLU B 214 6.14 -50.31 -3.48
C GLU B 214 5.80 -49.50 -2.23
N HIS C 10 -13.47 26.11 -14.72
CA HIS C 10 -13.11 27.30 -13.96
C HIS C 10 -12.39 26.91 -12.67
N ILE C 11 -12.57 25.66 -12.25
CA ILE C 11 -11.99 25.23 -10.98
C ILE C 11 -10.49 24.98 -11.11
N ASN C 12 -10.01 24.66 -12.32
CA ASN C 12 -8.58 24.44 -12.52
C ASN C 12 -7.77 25.73 -12.42
N ARG C 13 -8.41 26.88 -12.27
CA ARG C 13 -7.70 28.16 -12.13
C ARG C 13 -7.40 28.51 -10.68
N THR C 14 -7.48 27.53 -9.77
CA THR C 14 -7.26 27.78 -8.36
C THR C 14 -5.79 27.54 -8.03
N ALA C 15 -5.11 28.60 -7.59
CA ALA C 15 -3.70 28.49 -7.19
C ALA C 15 -3.62 27.65 -5.93
N LEU C 16 -3.04 26.45 -6.04
CA LEU C 16 -2.90 25.53 -4.92
C LEU C 16 -1.41 25.36 -4.64
N ASN C 17 -0.85 26.36 -3.98
CA ASN C 17 0.56 26.35 -3.57
C ASN C 17 0.60 26.66 -2.07
N CYS C 18 0.84 25.63 -1.27
CA CYS C 18 0.82 25.74 0.19
C CYS C 18 2.03 25.04 0.76
N ASN C 19 2.68 25.67 1.75
CA ASN C 19 3.91 25.16 2.35
C ASN C 19 3.81 25.39 3.86
N ASP C 20 3.27 24.40 4.57
CA ASP C 20 3.11 24.48 6.02
C ASP C 20 4.40 24.07 6.72
N SER C 21 5.46 24.83 6.45
CA SER C 21 6.76 24.56 7.05
C SER C 21 6.76 24.85 8.55
N LEU C 22 5.80 25.62 9.04
CA LEU C 22 5.70 25.94 10.46
C LEU C 22 4.84 24.95 11.24
N GLN C 23 4.36 23.89 10.59
CA GLN C 23 3.69 22.77 11.24
C GLN C 23 2.40 23.20 11.95
N THR C 24 1.74 24.25 11.45
CA THR C 24 0.54 24.76 12.10
C THR C 24 -0.73 24.05 11.67
N GLY C 25 -0.75 23.43 10.49
CA GLY C 25 -1.95 22.78 10.00
C GLY C 25 -3.02 23.74 9.54
N PHE C 26 -2.63 24.91 9.03
CA PHE C 26 -3.61 25.92 8.65
C PHE C 26 -4.48 25.48 7.48
N ILE C 27 -4.01 24.53 6.67
CA ILE C 27 -4.68 24.19 5.41
C ILE C 27 -5.93 23.35 5.60
N THR C 28 -6.31 23.04 6.84
CA THR C 28 -7.43 22.12 7.07
C THR C 28 -8.74 22.68 6.52
N SER C 29 -9.07 23.92 6.86
CA SER C 29 -10.33 24.50 6.43
C SER C 29 -10.39 24.78 4.94
N LEU C 30 -9.26 24.71 4.23
CA LEU C 30 -9.31 24.84 2.78
C LEU C 30 -10.09 23.69 2.14
N PHE C 31 -10.11 22.54 2.80
CA PHE C 31 -10.81 21.38 2.28
C PHE C 31 -12.17 21.22 2.94
N PRO C 60 -3.20 48.32 -1.79
CA PRO C 60 -3.25 48.63 -3.23
C PRO C 60 -3.22 47.37 -4.10
N CYS C 61 -4.40 46.94 -4.55
CA CYS C 61 -4.52 45.70 -5.30
C CYS C 61 -3.83 45.84 -6.65
N ASP C 62 -2.72 45.11 -6.82
CA ASP C 62 -2.00 45.11 -8.09
C ASP C 62 -2.01 43.69 -8.66
N VAL C 63 -0.83 43.16 -8.97
CA VAL C 63 -0.69 41.82 -9.54
C VAL C 63 -0.02 40.93 -8.51
N VAL C 64 -0.70 39.86 -8.11
CA VAL C 64 -0.16 38.89 -7.17
C VAL C 64 0.20 37.63 -7.94
N SER C 65 1.32 37.01 -7.55
CA SER C 65 1.82 35.82 -8.21
C SER C 65 1.15 34.58 -7.62
N ALA C 66 0.56 33.76 -8.48
CA ALA C 66 -0.13 32.55 -8.02
C ALA C 66 0.80 31.60 -7.29
N ARG C 67 2.11 31.70 -7.53
CA ARG C 67 3.09 30.88 -6.82
C ARG C 67 3.15 31.19 -5.34
N THR C 68 2.51 32.27 -4.88
CA THR C 68 2.48 32.64 -3.47
C THR C 68 1.07 32.66 -2.91
N VAL C 69 0.15 31.91 -3.51
CA VAL C 69 -1.24 31.89 -3.10
C VAL C 69 -1.66 30.45 -2.82
N CYS C 70 -2.36 30.25 -1.70
CA CYS C 70 -2.86 28.94 -1.28
C CYS C 70 -4.38 29.01 -1.24
N GLY C 71 -5.03 28.55 -2.31
CA GLY C 71 -6.48 28.54 -2.37
C GLY C 71 -7.06 29.60 -3.27
N PRO C 72 -8.37 29.73 -3.28
CA PRO C 72 -9.01 30.72 -4.16
C PRO C 72 -8.70 32.15 -3.74
N VAL C 73 -8.76 33.05 -4.71
CA VAL C 73 -8.56 34.48 -4.48
C VAL C 73 -9.91 35.16 -4.65
N TYR C 74 -10.34 35.86 -3.59
CA TYR C 74 -11.62 36.55 -3.59
C TYR C 74 -11.41 38.05 -3.63
N CYS C 75 -12.05 38.71 -4.59
CA CYS C 75 -12.14 40.16 -4.62
C CYS C 75 -13.59 40.57 -4.40
N PHE C 76 -13.77 41.80 -3.93
CA PHE C 76 -15.07 42.28 -3.47
C PHE C 76 -15.43 43.56 -4.20
N THR C 77 -15.88 43.40 -5.44
CA THR C 77 -16.64 44.46 -6.09
C THR C 77 -18.03 44.40 -5.46
N PRO C 78 -18.31 45.24 -4.46
CA PRO C 78 -19.29 44.85 -3.43
C PRO C 78 -19.47 43.35 -3.26
N SER C 79 -20.17 42.71 -4.19
CA SER C 79 -20.35 41.26 -4.12
C SER C 79 -19.02 40.54 -4.36
N PRO C 80 -18.81 39.41 -3.71
CA PRO C 80 -17.53 38.70 -3.86
C PRO C 80 -17.39 38.06 -5.23
N VAL C 81 -16.17 38.11 -5.77
CA VAL C 81 -15.86 37.59 -7.09
C VAL C 81 -14.59 36.75 -6.99
N VAL C 82 -14.68 35.50 -7.48
CA VAL C 82 -13.54 34.60 -7.48
C VAL C 82 -12.63 34.95 -8.65
N VAL C 83 -11.34 35.13 -8.37
CA VAL C 83 -10.35 35.46 -9.38
C VAL C 83 -9.58 34.20 -9.75
N GLY C 84 -9.49 33.92 -11.04
CA GLY C 84 -8.75 32.78 -11.53
C GLY C 84 -7.36 33.18 -11.99
N THR C 85 -6.53 32.16 -12.21
CA THR C 85 -5.17 32.39 -12.67
C THR C 85 -5.17 32.83 -14.13
N THR C 86 -4.24 33.74 -14.47
CA THR C 86 -4.04 34.21 -15.82
C THR C 86 -2.56 34.31 -16.09
N ASP C 87 -2.20 34.75 -17.28
CA ASP C 87 -0.84 35.14 -17.59
C ASP C 87 -0.73 36.66 -17.54
N LYS C 88 0.32 37.24 -18.13
CA LYS C 88 0.43 38.69 -18.13
C LYS C 88 -0.66 39.34 -18.96
N LEU C 89 -1.12 38.66 -20.01
CA LEU C 89 -2.35 39.07 -20.66
C LEU C 89 -3.55 38.52 -19.90
N GLY C 90 -4.72 39.08 -20.17
CA GLY C 90 -5.92 38.67 -19.46
C GLY C 90 -6.47 37.33 -19.93
N ILE C 91 -5.61 36.34 -20.06
CA ILE C 91 -5.97 35.03 -20.62
C ILE C 91 -5.93 34.00 -19.49
N PRO C 92 -7.05 33.36 -19.17
CA PRO C 92 -7.06 32.40 -18.06
C PRO C 92 -6.18 31.19 -18.33
N THR C 93 -5.58 30.69 -17.26
CA THR C 93 -4.75 29.50 -17.29
C THR C 93 -5.32 28.44 -16.36
N TYR C 94 -5.15 27.18 -16.74
CA TYR C 94 -5.75 26.07 -16.00
C TYR C 94 -4.71 25.08 -15.52
N ASN C 95 -3.67 25.57 -14.84
CA ASN C 95 -2.59 24.72 -14.36
C ASN C 95 -2.50 24.71 -12.83
N TRP C 96 -3.59 25.08 -12.14
CA TRP C 96 -3.64 25.10 -10.68
C TRP C 96 -2.55 25.99 -10.09
N GLY C 97 -2.21 27.07 -10.78
CA GLY C 97 -1.18 27.97 -10.32
C GLY C 97 0.22 27.39 -10.31
N GLU C 98 0.50 26.39 -11.15
CA GLU C 98 1.80 25.74 -11.12
C GLU C 98 2.86 26.56 -11.86
N ASN C 99 2.48 27.17 -12.97
CA ASN C 99 3.42 27.98 -13.74
C ASN C 99 3.85 29.19 -12.94
N GLU C 100 5.14 29.54 -13.04
CA GLU C 100 5.64 30.73 -12.36
C GLU C 100 5.17 32.02 -13.01
N THR C 101 4.57 31.95 -14.20
CA THR C 101 3.99 33.11 -14.86
C THR C 101 2.49 33.23 -14.63
N ASP C 102 1.91 32.34 -13.82
CA ASP C 102 0.51 32.46 -13.46
C ASP C 102 0.33 33.53 -12.41
N VAL C 103 -0.56 34.48 -12.67
CA VAL C 103 -0.81 35.61 -11.78
C VAL C 103 -2.31 35.82 -11.64
N PHE C 104 -2.67 36.74 -10.75
CA PHE C 104 -4.04 37.21 -10.59
C PHE C 104 -4.06 38.70 -10.89
N MET C 105 -4.86 39.10 -11.88
CA MET C 105 -4.94 40.51 -12.29
C MET C 105 -6.04 41.18 -11.48
N LEU C 106 -5.68 41.57 -10.25
CA LEU C 106 -6.66 42.17 -9.35
C LEU C 106 -7.01 43.59 -9.76
N GLU C 107 -6.01 44.37 -10.22
CA GLU C 107 -6.28 45.74 -10.61
C GLU C 107 -7.18 45.81 -11.84
N SER C 108 -7.15 44.78 -12.69
CA SER C 108 -8.01 44.77 -13.87
C SER C 108 -9.46 44.47 -13.50
N LEU C 109 -9.68 43.82 -12.36
CA LEU C 109 -11.03 43.49 -11.90
C LEU C 109 -11.53 44.61 -10.99
N ARG C 110 -11.89 45.73 -11.62
CA ARG C 110 -12.38 46.90 -10.89
C ARG C 110 -13.47 47.57 -11.69
N PRO C 111 -14.57 48.01 -11.03
CA PRO C 111 -15.66 48.76 -11.65
C PRO C 111 -15.19 49.95 -12.48
N GLY C 114 -15.29 53.63 -10.05
CA GLY C 114 -14.68 54.36 -8.95
C GLY C 114 -15.18 53.93 -7.59
N GLY C 115 -15.70 52.70 -7.53
CA GLY C 115 -16.23 52.17 -6.28
C GLY C 115 -15.16 51.53 -5.41
N TRP C 116 -15.54 51.25 -4.16
CA TRP C 116 -14.63 50.62 -3.23
C TRP C 116 -14.25 49.22 -3.70
N PHE C 117 -12.99 48.85 -3.47
CA PHE C 117 -12.44 47.62 -4.00
C PHE C 117 -11.49 47.00 -2.98
N GLY C 118 -11.40 45.68 -3.00
CA GLY C 118 -10.53 44.95 -2.09
C GLY C 118 -10.51 43.46 -2.38
N CYS C 119 -9.40 42.81 -2.05
CA CYS C 119 -9.24 41.38 -2.31
C CYS C 119 -8.55 40.72 -1.14
N THR C 120 -8.83 39.42 -0.97
CA THR C 120 -8.19 38.61 0.07
C THR C 120 -7.82 37.26 -0.51
N TRP C 121 -6.83 36.63 0.13
CA TRP C 121 -6.39 35.29 -0.22
C TRP C 121 -5.43 34.81 0.88
N MET C 122 -5.27 33.49 0.94
CA MET C 122 -4.28 32.88 1.82
C MET C 122 -2.98 32.69 1.05
N ASN C 123 -1.87 33.14 1.64
CA ASN C 123 -0.59 32.95 0.97
C ASN C 123 -0.01 31.60 1.38
N SER C 124 1.17 31.27 0.85
CA SER C 124 1.65 29.90 0.90
C SER C 124 1.86 29.40 2.32
N THR C 125 2.25 30.27 3.25
CA THR C 125 2.58 29.87 4.60
C THR C 125 1.42 30.04 5.58
N GLY C 126 0.25 30.43 5.09
CA GLY C 126 -0.93 30.53 5.92
C GLY C 126 -1.25 31.90 6.48
N PHE C 127 -0.84 32.96 5.81
CA PHE C 127 -1.10 34.33 6.26
C PHE C 127 -2.13 34.97 5.34
N THR C 128 -3.25 35.39 5.93
CA THR C 128 -4.28 36.08 5.16
C THR C 128 -3.73 37.39 4.62
N LYS C 129 -3.72 37.53 3.29
CA LYS C 129 -3.24 38.73 2.63
C LYS C 129 -4.40 39.53 2.07
N THR C 130 -4.27 40.86 2.13
CA THR C 130 -5.31 41.77 1.70
C THR C 130 -4.71 42.84 0.81
N CYS C 131 -5.59 43.63 0.20
CA CYS C 131 -5.19 44.78 -0.61
C CYS C 131 -6.41 45.66 -0.83
N GLY C 132 -6.18 46.95 -0.95
CA GLY C 132 -7.25 47.89 -1.22
C GLY C 132 -6.91 49.26 -0.67
N ALA C 133 -7.95 50.05 -0.47
CA ALA C 133 -7.82 51.41 0.02
C ALA C 133 -7.21 51.43 1.42
N GLY C 141 -13.81 52.49 4.07
CA GLY C 141 -13.81 51.09 3.69
C GLY C 141 -12.48 50.41 3.92
N GLY C 142 -12.53 49.15 4.35
CA GLY C 142 -11.34 48.38 4.63
C GLY C 142 -10.63 47.90 3.37
N SER C 143 -9.59 47.10 3.59
CA SER C 143 -8.75 46.59 2.50
C SER C 143 -8.98 45.11 2.24
N GLY C 144 -10.10 44.56 2.69
CA GLY C 144 -10.44 43.19 2.40
C GLY C 144 -11.90 43.07 2.01
N PRO C 145 -12.64 42.22 2.71
CA PRO C 145 -14.11 42.25 2.63
C PRO C 145 -14.75 43.23 3.60
N TRP C 146 -13.94 44.08 4.23
CA TRP C 146 -14.40 45.00 5.27
C TRP C 146 -15.08 46.19 4.61
N ILE C 147 -16.41 46.16 4.54
CA ILE C 147 -17.16 47.33 4.07
C ILE C 147 -17.19 48.40 5.15
N THR C 148 -17.69 48.05 6.33
CA THR C 148 -17.67 48.81 7.57
C THR C 148 -16.48 48.37 8.41
N PRO C 149 -15.92 49.25 9.25
CA PRO C 149 -14.89 48.80 10.20
C PRO C 149 -15.32 47.62 11.07
N ARG C 150 -16.62 47.37 11.17
CA ARG C 150 -17.14 46.23 11.94
C ARG C 150 -17.99 45.29 11.11
N CYS C 151 -18.05 45.46 9.79
CA CYS C 151 -18.77 44.55 8.92
C CYS C 151 -17.82 43.92 7.91
N LEU C 152 -18.28 42.83 7.29
CA LEU C 152 -17.42 42.04 6.42
C LEU C 152 -18.29 41.31 5.40
N VAL C 153 -17.82 41.26 4.16
CA VAL C 153 -18.58 40.62 3.08
C VAL C 153 -18.48 39.12 3.23
N ASP C 154 -19.63 38.46 3.36
CA ASP C 154 -19.65 37.01 3.52
C ASP C 154 -19.42 36.32 2.18
N TYR C 155 -18.52 35.35 2.16
CA TYR C 155 -18.19 34.59 0.97
C TYR C 155 -17.76 33.19 1.40
N PRO C 156 -17.81 32.21 0.49
CA PRO C 156 -17.66 30.81 0.91
C PRO C 156 -16.38 30.47 1.66
N TYR C 157 -15.39 31.36 1.70
CA TYR C 157 -14.16 31.11 2.45
C TYR C 157 -13.88 32.21 3.46
N ARG C 158 -14.93 32.82 4.01
CA ARG C 158 -14.74 33.89 4.98
C ARG C 158 -14.11 33.38 6.26
N LEU C 159 -14.57 32.23 6.75
CA LEU C 159 -14.09 31.71 8.03
C LEU C 159 -12.69 31.14 7.94
N TRP C 160 -12.20 30.84 6.74
CA TRP C 160 -10.82 30.35 6.63
C TRP C 160 -9.84 31.52 6.55
N HIS C 161 -10.19 32.58 5.82
CA HIS C 161 -9.37 33.79 5.81
C HIS C 161 -9.54 34.60 7.08
N TYR C 162 -10.71 34.52 7.71
CA TYR C 162 -11.01 35.28 8.93
C TYR C 162 -11.71 34.37 9.92
N PRO C 163 -10.95 33.58 10.68
CA PRO C 163 -11.58 32.67 11.65
C PRO C 163 -12.23 33.39 12.82
N CYS C 164 -11.85 34.63 13.11
CA CYS C 164 -12.41 35.37 14.23
C CYS C 164 -13.75 36.02 13.91
N THR C 165 -14.22 35.92 12.66
CA THR C 165 -15.50 36.49 12.26
C THR C 165 -16.63 35.46 12.25
N VAL C 166 -16.45 34.34 12.96
CA VAL C 166 -17.49 33.31 13.01
C VAL C 166 -18.67 33.79 13.85
N ASN C 167 -18.42 34.63 14.85
CA ASN C 167 -19.46 35.10 15.75
C ASN C 167 -20.23 36.29 15.21
N PHE C 168 -20.07 36.62 13.94
CA PHE C 168 -20.74 37.77 13.35
C PHE C 168 -22.09 37.37 12.76
N THR C 169 -22.96 38.35 12.62
CA THR C 169 -24.33 38.14 12.16
C THR C 169 -24.47 38.49 10.69
N LEU C 170 -25.14 37.62 9.93
CA LEU C 170 -25.37 37.85 8.52
C LEU C 170 -26.49 38.85 8.31
N HIS C 171 -26.37 39.65 7.25
CA HIS C 171 -27.38 40.63 6.87
C HIS C 171 -27.48 40.68 5.35
N LYS C 172 -28.71 40.67 4.84
CA LYS C 172 -28.91 40.71 3.40
C LYS C 172 -28.83 42.14 2.89
N VAL C 173 -27.99 42.35 1.88
CA VAL C 173 -27.70 43.68 1.35
C VAL C 173 -28.08 43.70 -0.13
N ARG C 174 -28.68 44.81 -0.57
CA ARG C 174 -29.04 44.99 -1.97
C ARG C 174 -28.93 46.48 -2.30
N MET C 175 -28.04 46.81 -3.24
CA MET C 175 -27.82 48.20 -3.60
C MET C 175 -27.26 48.28 -5.01
N PHE C 176 -27.44 49.46 -5.62
CA PHE C 176 -26.86 49.76 -6.91
C PHE C 176 -25.56 50.52 -6.71
N VAL C 177 -24.45 49.95 -7.19
CA VAL C 177 -23.13 50.57 -7.10
C VAL C 177 -22.56 50.63 -8.51
N GLY C 178 -22.25 51.84 -8.97
CA GLY C 178 -21.69 52.06 -10.29
C GLY C 178 -22.59 51.66 -11.44
N GLY C 179 -23.87 51.39 -11.17
CA GLY C 179 -24.81 51.01 -12.21
C GLY C 179 -25.26 49.56 -12.17
N ILE C 180 -24.69 48.73 -11.31
CA ILE C 180 -25.03 47.32 -11.22
C ILE C 180 -25.63 47.04 -9.85
N GLU C 181 -26.70 46.25 -9.83
CA GLU C 181 -27.31 45.82 -8.57
C GLU C 181 -26.48 44.72 -7.94
N HIS C 182 -26.18 44.86 -6.66
CA HIS C 182 -25.35 43.92 -5.92
C HIS C 182 -26.17 43.26 -4.82
N ARG C 183 -26.24 41.94 -4.86
CA ARG C 183 -26.91 41.14 -3.83
C ARG C 183 -25.85 40.30 -3.13
N PHE C 184 -25.65 40.55 -1.84
CA PHE C 184 -24.67 39.82 -1.06
C PHE C 184 -25.03 39.92 0.42
N ASP C 185 -24.35 39.13 1.24
CA ASP C 185 -24.55 39.10 2.67
C ASP C 185 -23.35 39.74 3.37
N ALA C 186 -23.63 40.54 4.39
CA ALA C 186 -22.61 41.18 5.21
C ALA C 186 -22.62 40.59 6.61
N ALA C 187 -21.43 40.32 7.13
CA ALA C 187 -21.26 39.80 8.48
C ALA C 187 -20.73 40.90 9.38
N CYS C 188 -21.49 41.24 10.43
CA CYS C 188 -21.13 42.30 11.35
C CYS C 188 -21.21 41.80 12.78
N ASN C 189 -20.57 42.52 13.69
CA ASN C 189 -20.59 42.18 15.11
C ASN C 189 -22.01 42.22 15.67
C1 NAG D . 8.83 24.98 1.61
C2 NAG D . 9.65 25.18 0.34
C3 NAG D . 11.07 24.66 0.55
C4 NAG D . 11.70 25.29 1.77
C5 NAG D . 10.81 25.06 2.99
C6 NAG D . 11.32 25.74 4.24
C7 NAG D . 9.07 25.03 -2.04
C8 NAG D . 8.37 24.23 -3.09
N2 NAG D . 9.03 24.53 -0.79
O3 NAG D . 11.85 24.96 -0.61
O4 NAG D . 12.99 24.73 2.01
O5 NAG D . 9.49 25.59 2.74
O6 NAG D . 11.54 27.13 4.03
O7 NAG D . 9.63 26.09 -2.29
C1 NAG E . 3.29 34.83 3.56
C2 NAG E . 4.67 34.97 2.93
C3 NAG E . 5.74 35.15 4.01
C4 NAG E . 5.38 36.31 4.91
C5 NAG E . 3.99 36.11 5.49
C6 NAG E . 3.51 37.28 6.32
C7 NAG E . 5.11 33.90 0.76
C8 NAG E . 5.43 32.63 0.05
N2 NAG E . 4.98 33.82 2.08
O3 NAG E . 7.01 35.37 3.39
O4 NAG E . 6.32 36.42 5.97
O5 NAG E . 3.03 35.96 4.42
O6 NAG E . 4.59 38.16 6.64
O7 NAG E . 4.97 34.97 0.15
C1 NAG F . 2.98 25.44 -17.40
C2 NAG F . 3.95 25.37 -18.58
C3 NAG F . 3.70 24.12 -19.42
C4 NAG F . 3.71 22.88 -18.54
C5 NAG F . 2.72 23.05 -17.39
C6 NAG F . 2.75 21.89 -16.42
C7 NAG F . 2.79 26.98 -20.06
C8 NAG F . 2.94 28.24 -20.84
N2 NAG F . 3.89 26.57 -19.40
O3 NAG F . 4.71 24.02 -20.42
O4 NAG F . 3.35 21.73 -19.31
O5 NAG F . 3.05 24.22 -16.64
O6 NAG F . 3.68 22.11 -15.37
O7 NAG F . 1.73 26.36 -20.01
C1 NAG G . -8.62 20.16 -14.92
C2 NAG G . -8.38 19.77 -16.38
C3 NAG G . -8.81 18.33 -16.62
C4 NAG G . -8.16 17.39 -15.61
C5 NAG G . -8.41 17.88 -14.19
C6 NAG G . -7.71 17.06 -13.13
C7 NAG G . -8.49 21.65 -17.96
C8 NAG G . -7.01 21.79 -17.75
N2 NAG G . -9.08 20.67 -17.27
O3 NAG G . -8.45 17.94 -17.94
O4 NAG G . -8.69 16.08 -15.74
O5 NAG G . -7.95 19.23 -14.05
O6 NAG G . -6.60 17.75 -12.58
O7 NAG G . -9.11 22.39 -18.71
#